data_3LSJ
#
_entry.id   3LSJ
#
_cell.length_a   41.677
_cell.length_b   100.466
_cell.length_c   60.838
_cell.angle_alpha   90.00
_cell.angle_beta   105.15
_cell.angle_gamma   90.00
#
_symmetry.space_group_name_H-M   'P 1 21 1'
#
loop_
_entity.id
_entity.type
_entity.pdbx_description
1 polymer DesT
2 non-polymer 'PALMITIC ACID'
3 non-polymer 'COENZYME A'
4 water water
#
_entity_poly.entity_id   1
_entity_poly.type   'polypeptide(L)'
_entity_poly.pdbx_seq_one_letter_code
;MASPRAEQKQQTRHALMSAARHLMESGRGFGSLSLREVTRAAGIVPAGFYRHFSDMDQLGLALVAEVDETFRATLRAVRR
NEFELGGLIDASVRIFLDAVGANRSQFLFLAREQYGGSLPIRQAIASLRQRITDDLAADLALLNKMPHLDGAALDVFADL
VVKTVFATLPELIDPPAADLPPHLMPAAKITHQLRFIMIGGKHWHGLPGSSVDKLAAALE
;
_entity_poly.pdbx_strand_id   A,B
#
loop_
_chem_comp.id
_chem_comp.type
_chem_comp.name
_chem_comp.formula
COA non-polymer 'COENZYME A' 'C21 H36 N7 O16 P3 S'
PLM non-polymer 'PALMITIC ACID' 'C16 H32 O2'
#
# COMPACT_ATOMS: atom_id res chain seq x y z
N ALA A 2 -6.65 41.67 10.51
CA ALA A 2 -6.27 40.57 9.60
C ALA A 2 -4.80 40.77 9.20
N SER A 3 -4.11 39.67 8.92
CA SER A 3 -2.67 39.74 8.68
C SER A 3 -2.32 40.32 7.31
N PRO A 4 -1.37 41.27 7.29
CA PRO A 4 -0.94 41.96 6.06
C PRO A 4 -0.38 41.01 5.02
N ARG A 5 -0.67 41.29 3.75
CA ARG A 5 -0.16 40.52 2.61
C ARG A 5 -0.43 39.01 2.71
N ALA A 6 -1.65 38.65 3.08
CA ALA A 6 -2.05 37.24 3.28
C ALA A 6 -2.03 36.39 2.01
N GLU A 7 -2.52 36.96 0.91
CA GLU A 7 -2.56 36.27 -0.37
C GLU A 7 -1.15 35.94 -0.86
N GLN A 8 -0.23 36.87 -0.64
CA GLN A 8 1.18 36.70 -1.01
C GLN A 8 1.85 35.62 -0.17
N LYS A 9 1.58 35.62 1.13
CA LYS A 9 2.05 34.58 2.03
C LYS A 9 1.52 33.20 1.59
N GLN A 10 0.25 33.13 1.22
CA GLN A 10 -0.38 31.89 0.76
C GLN A 10 0.24 31.39 -0.55
N GLN A 11 0.55 32.33 -1.43
CA GLN A 11 1.24 32.05 -2.70
C GLN A 11 2.60 31.40 -2.48
N THR A 12 3.34 31.88 -1.48
CA THR A 12 4.63 31.30 -1.12
C THR A 12 4.46 29.94 -0.46
N ARG A 13 3.43 29.82 0.37
CA ARG A 13 3.10 28.56 1.00
C ARG A 13 2.90 27.45 -0.03
N HIS A 14 2.10 27.75 -1.06
CA HIS A 14 1.81 26.79 -2.12
C HIS A 14 3.04 26.48 -2.97
N ALA A 15 3.90 27.49 -3.15
CA ALA A 15 5.14 27.35 -3.89
C ALA A 15 6.07 26.35 -3.21
N LEU A 16 6.25 26.51 -1.90
CA LEU A 16 7.00 25.55 -1.08
C LEU A 16 6.40 24.15 -1.22
N MET A 17 5.07 24.08 -1.16
CA MET A 17 4.35 22.81 -1.19
C MET A 17 4.48 22.08 -2.52
N SER A 18 4.32 22.80 -3.62
CA SER A 18 4.43 22.18 -4.94
C SER A 18 5.89 21.93 -5.35
N ALA A 19 6.82 22.67 -4.73
CA ALA A 19 8.25 22.38 -4.82
C ALA A 19 8.60 21.02 -4.20
N ALA A 20 8.08 20.76 -3.00
CA ALA A 20 8.28 19.47 -2.36
C ALA A 20 7.68 18.35 -3.21
N ARG A 21 6.44 18.55 -3.65
CA ARG A 21 5.79 17.61 -4.57
C ARG A 21 6.61 17.34 -5.83
N HIS A 22 7.24 18.40 -6.36
CA HIS A 22 8.02 18.29 -7.58
C HIS A 22 9.23 17.40 -7.36
N LEU A 23 9.91 17.61 -6.23
CA LEU A 23 11.07 16.82 -5.85
C LEU A 23 10.78 15.33 -5.58
N MET A 24 9.50 15.00 -5.42
CA MET A 24 9.07 13.64 -5.10
C MET A 24 8.40 12.94 -6.27
N GLU A 25 8.42 13.60 -7.42
CA GLU A 25 7.80 13.09 -8.64
C GLU A 25 8.34 11.74 -9.08
N SER A 26 9.61 11.48 -8.83
CA SER A 26 10.26 10.25 -9.30
C SER A 26 10.56 9.28 -8.17
N GLY A 27 9.76 9.32 -7.11
CA GLY A 27 9.79 8.28 -6.08
C GLY A 27 10.59 8.58 -4.82
N ARG A 28 11.18 9.78 -4.76
CA ARG A 28 11.86 10.21 -3.54
C ARG A 28 10.86 10.33 -2.37
N GLY A 29 11.27 9.80 -1.22
CA GLY A 29 10.50 9.92 0.01
C GLY A 29 10.51 11.34 0.56
N PHE A 30 9.46 11.70 1.29
CA PHE A 30 9.39 13.03 1.89
C PHE A 30 10.53 13.25 2.88
N GLY A 31 10.86 12.19 3.61
CA GLY A 31 11.86 12.23 4.66
C GLY A 31 13.27 12.60 4.20
N SER A 32 13.56 12.38 2.91
CA SER A 32 14.88 12.66 2.37
C SER A 32 15.02 14.10 1.84
N LEU A 33 13.94 14.88 1.93
CA LEU A 33 13.97 16.28 1.48
C LEU A 33 14.58 17.19 2.54
N SER A 34 15.51 18.03 2.12
CA SER A 34 16.09 19.01 3.03
C SER A 34 15.38 20.33 2.85
N LEU A 35 15.26 21.06 3.95
CA LEU A 35 14.66 22.39 3.92
C LEU A 35 15.26 23.26 2.81
N ARG A 36 16.58 23.18 2.64
CA ARG A 36 17.27 24.01 1.65
C ARG A 36 16.87 23.75 0.19
N GLU A 37 16.66 22.48 -0.14
CA GLU A 37 16.20 22.09 -1.47
C GLU A 37 14.88 22.76 -1.78
N VAL A 38 13.91 22.50 -0.90
CA VAL A 38 12.55 23.00 -1.05
C VAL A 38 12.51 24.52 -1.17
N THR A 39 13.24 25.23 -0.30
CA THR A 39 13.22 26.70 -0.31
C THR A 39 13.78 27.30 -1.60
N ARG A 40 14.93 26.80 -2.03
CA ARG A 40 15.58 27.32 -3.22
C ARG A 40 14.78 26.96 -4.49
N ALA A 41 14.22 25.75 -4.53
CA ALA A 41 13.32 25.34 -5.61
C ALA A 41 12.05 26.20 -5.61
N ALA A 42 11.61 26.59 -4.42
CA ALA A 42 10.47 27.50 -4.26
C ALA A 42 10.88 28.94 -4.61
N GLY A 43 12.19 29.17 -4.67
CA GLY A 43 12.73 30.48 -5.01
C GLY A 43 12.75 31.47 -3.85
N ILE A 44 12.93 30.96 -2.64
CA ILE A 44 13.06 31.81 -1.45
C ILE A 44 14.28 31.48 -0.59
N VAL A 45 14.60 32.41 0.32
CA VAL A 45 15.67 32.25 1.30
C VAL A 45 15.27 31.21 2.36
N PRO A 46 16.21 30.31 2.74
CA PRO A 46 15.99 29.27 3.77
C PRO A 46 15.27 29.75 5.02
N ALA A 47 15.60 30.96 5.50
CA ALA A 47 14.94 31.55 6.67
C ALA A 47 13.44 31.82 6.46
N GLY A 48 13.05 32.02 5.20
CA GLY A 48 11.65 32.29 4.85
C GLY A 48 10.73 31.09 4.91
N PHE A 49 11.28 29.94 5.29
CA PHE A 49 10.51 28.71 5.47
C PHE A 49 9.70 28.77 6.77
N TYR A 50 10.29 29.34 7.81
CA TYR A 50 9.69 29.34 9.15
C TYR A 50 8.51 30.30 9.28
N ARG A 51 8.28 31.11 8.25
CA ARG A 51 7.07 31.92 8.14
C ARG A 51 5.83 31.02 7.98
N HIS A 52 6.02 29.89 7.29
CA HIS A 52 4.91 29.00 6.96
C HIS A 52 4.93 27.73 7.80
N PHE A 53 6.11 27.15 7.98
CA PHE A 53 6.26 25.89 8.70
C PHE A 53 7.41 25.93 9.68
N SER A 54 7.17 25.45 10.90
CA SER A 54 8.21 25.38 11.93
C SER A 54 9.24 24.27 11.63
N ASP A 55 8.81 23.26 10.85
CA ASP A 55 9.72 22.18 10.40
C ASP A 55 9.17 21.47 9.17
N MET A 56 9.96 20.56 8.61
CA MET A 56 9.58 19.80 7.42
C MET A 56 8.34 18.93 7.64
N ASP A 57 8.24 18.34 8.83
CA ASP A 57 7.02 17.65 9.25
C ASP A 57 5.75 18.46 8.96
N GLN A 58 5.78 19.76 9.30
CA GLN A 58 4.62 20.64 9.12
C GLN A 58 4.29 20.84 7.66
N LEU A 59 5.32 20.96 6.83
CA LEU A 59 5.16 20.98 5.39
C LEU A 59 4.48 19.69 4.91
N GLY A 60 4.89 18.55 5.46
CA GLY A 60 4.30 17.25 5.12
C GLY A 60 2.84 17.14 5.54
N LEU A 61 2.54 17.64 6.73
CA LEU A 61 1.17 17.63 7.23
C LEU A 61 0.27 18.48 6.33
N ALA A 62 0.80 19.60 5.84
CA ALA A 62 0.07 20.45 4.89
C ALA A 62 -0.15 19.76 3.54
N LEU A 63 0.82 18.97 3.10
CA LEU A 63 0.67 18.15 1.89
C LEU A 63 -0.48 17.15 2.00
N VAL A 64 -0.64 16.54 3.17
CA VAL A 64 -1.75 15.60 3.42
C VAL A 64 -3.10 16.31 3.47
N ALA A 65 -3.14 17.50 4.10
CA ALA A 65 -4.38 18.24 4.31
C ALA A 65 -5.03 18.74 3.02
N GLU A 66 -4.26 18.78 1.93
CA GLU A 66 -4.76 19.18 0.61
C GLU A 66 -5.78 18.20 -0.01
N VAL A 67 -5.75 16.92 0.41
CA VAL A 67 -6.68 15.93 -0.13
C VAL A 67 -8.06 16.00 0.55
N ASP A 68 -8.05 16.34 1.84
CA ASP A 68 -9.24 16.34 2.68
C ASP A 68 -10.38 17.25 2.18
N GLU A 69 -10.03 18.42 1.64
CA GLU A 69 -11.03 19.40 1.20
C GLU A 69 -11.31 19.35 -0.30
N THR A 70 -10.75 18.35 -0.98
CA THR A 70 -10.99 18.17 -2.40
C THR A 70 -11.61 16.80 -2.70
N PHE A 71 -10.76 15.78 -2.74
CA PHE A 71 -11.11 14.44 -3.15
C PHE A 71 -12.26 13.84 -2.35
N ARG A 72 -12.18 14.03 -1.04
CA ARG A 72 -13.09 13.43 -0.07
C ARG A 72 -14.54 13.81 -0.33
N ALA A 73 -14.78 15.05 -0.76
CA ALA A 73 -16.14 15.51 -1.02
C ALA A 73 -16.70 15.02 -2.35
N THR A 74 -15.83 14.80 -3.33
CA THR A 74 -16.25 14.26 -4.64
C THR A 74 -16.79 12.84 -4.52
N LEU A 75 -16.16 12.04 -3.65
CA LEU A 75 -16.57 10.67 -3.40
C LEU A 75 -17.91 10.62 -2.69
N ARG A 76 -18.08 11.49 -1.71
CA ARG A 76 -19.36 11.65 -1.04
C ARG A 76 -20.41 12.22 -1.99
N ALA A 77 -19.99 13.16 -2.83
CA ALA A 77 -20.90 13.83 -3.77
C ALA A 77 -21.54 12.86 -4.76
N VAL A 78 -20.79 11.86 -5.20
CA VAL A 78 -21.26 10.96 -6.25
C VAL A 78 -22.30 9.95 -5.76
N ARG A 79 -22.37 9.75 -4.44
CA ARG A 79 -23.26 8.72 -3.87
C ARG A 79 -24.74 9.12 -3.71
N ARG A 80 -25.03 10.40 -3.99
CA ARG A 80 -26.40 10.91 -3.94
C ARG A 80 -27.17 10.65 -5.24
N ASN A 81 -26.47 10.67 -6.37
CA ASN A 81 -27.11 10.66 -7.69
C ASN A 81 -27.45 9.31 -8.29
N GLU A 82 -26.42 8.55 -8.65
CA GLU A 82 -26.50 7.36 -9.51
C GLU A 82 -27.54 6.34 -9.03
N LEU A 85 -28.07 0.98 -10.09
CA LEU A 85 -27.93 -0.48 -10.16
C LEU A 85 -26.64 -0.88 -10.89
N GLY A 86 -25.52 -0.84 -10.17
CA GLY A 86 -24.19 -1.12 -10.73
C GLY A 86 -23.47 0.13 -11.21
N GLY A 87 -24.20 1.24 -11.27
CA GLY A 87 -23.67 2.51 -11.76
C GLY A 87 -22.73 3.26 -10.82
N LEU A 88 -23.02 3.21 -9.53
CA LEU A 88 -22.23 3.95 -8.54
C LEU A 88 -20.79 3.42 -8.39
N ILE A 89 -20.60 2.13 -8.67
CA ILE A 89 -19.27 1.52 -8.63
C ILE A 89 -18.37 2.15 -9.67
N ASP A 90 -18.81 2.11 -10.92
CA ASP A 90 -18.03 2.65 -12.04
C ASP A 90 -17.69 4.13 -11.84
N ALA A 91 -18.67 4.93 -11.41
CA ALA A 91 -18.45 6.35 -11.16
C ALA A 91 -17.44 6.57 -10.02
N SER A 92 -17.59 5.83 -8.92
CA SER A 92 -16.65 5.94 -7.79
C SER A 92 -15.23 5.55 -8.17
N VAL A 93 -15.09 4.49 -8.97
CA VAL A 93 -13.79 4.05 -9.45
C VAL A 93 -13.17 5.12 -10.36
N ARG A 94 -13.99 5.65 -11.27
CA ARG A 94 -13.55 6.69 -12.21
C ARG A 94 -13.13 7.97 -11.47
N ILE A 95 -13.80 8.29 -10.36
CA ILE A 95 -13.40 9.44 -9.52
C ILE A 95 -11.97 9.23 -9.04
N PHE A 96 -11.68 8.04 -8.52
CA PHE A 96 -10.35 7.69 -8.03
C PHE A 96 -9.33 7.70 -9.18
N LEU A 97 -9.64 6.99 -10.26
CA LEU A 97 -8.70 6.86 -11.37
C LEU A 97 -8.31 8.20 -11.98
N ASP A 98 -9.29 9.09 -12.18
CA ASP A 98 -9.04 10.44 -12.66
C ASP A 98 -8.23 11.28 -11.67
N ALA A 99 -8.59 11.17 -10.39
CA ALA A 99 -7.86 11.88 -9.34
C ALA A 99 -6.40 11.46 -9.34
N VAL A 100 -6.15 10.16 -9.50
CA VAL A 100 -4.78 9.63 -9.62
C VAL A 100 -4.06 10.15 -10.88
N GLY A 101 -4.74 10.19 -12.01
CA GLY A 101 -4.15 10.70 -13.26
C GLY A 101 -3.71 12.17 -13.16
N ALA A 102 -4.63 13.03 -12.73
CA ALA A 102 -4.36 14.46 -12.54
C ALA A 102 -3.43 14.81 -11.38
N ASN A 103 -3.36 13.95 -10.35
CA ASN A 103 -2.58 14.23 -9.12
C ASN A 103 -1.74 13.02 -8.71
N ARG A 104 -0.95 12.52 -9.65
CA ARG A 104 -0.17 11.30 -9.43
C ARG A 104 0.72 11.41 -8.20
N SER A 105 1.58 12.43 -8.20
CA SER A 105 2.62 12.58 -7.19
C SER A 105 2.04 12.63 -5.78
N GLN A 106 0.87 13.24 -5.68
CA GLN A 106 0.16 13.39 -4.43
C GLN A 106 -0.31 12.04 -3.88
N PHE A 107 -0.98 11.24 -4.70
CA PHE A 107 -1.47 9.94 -4.26
C PHE A 107 -0.36 8.95 -3.95
N LEU A 108 0.74 9.04 -4.70
CA LEU A 108 1.91 8.19 -4.43
C LEU A 108 2.54 8.56 -3.09
N PHE A 109 2.60 9.87 -2.81
CA PHE A 109 3.03 10.44 -1.53
C PHE A 109 2.14 9.91 -0.39
N LEU A 110 0.82 9.95 -0.59
CA LEU A 110 -0.14 9.41 0.39
C LEU A 110 0.13 7.94 0.66
N ALA A 111 0.34 7.17 -0.41
CA ALA A 111 0.59 5.73 -0.26
C ALA A 111 1.96 5.47 0.37
N ARG A 112 2.99 6.11 -0.16
CA ARG A 112 4.37 5.88 0.23
C ARG A 112 4.65 6.25 1.69
N GLU A 113 4.18 7.41 2.12
CA GLU A 113 4.49 7.93 3.45
C GLU A 113 3.73 7.25 4.60
N GLN A 114 2.78 6.38 4.26
CA GLN A 114 2.25 5.41 5.21
C GLN A 114 3.39 4.60 5.87
N TYR A 115 4.49 4.42 5.12
CA TYR A 115 5.62 3.62 5.56
C TYR A 115 6.88 4.46 5.73
N GLY A 116 6.68 5.78 5.87
CA GLY A 116 7.80 6.70 5.97
C GLY A 116 8.27 6.91 7.38
N GLY A 117 9.31 7.74 7.53
CA GLY A 117 9.96 7.97 8.83
C GLY A 117 9.25 8.86 9.83
N SER A 118 8.14 9.46 9.42
CA SER A 118 7.46 10.45 10.24
C SER A 118 6.18 9.86 10.84
N LEU A 119 6.12 9.84 12.16
CA LEU A 119 4.93 9.37 12.87
C LEU A 119 3.73 10.30 12.68
N PRO A 120 3.90 11.62 12.86
CA PRO A 120 2.74 12.48 12.67
C PRO A 120 2.16 12.37 11.25
N ILE A 121 3.02 12.23 10.26
CA ILE A 121 2.58 12.07 8.87
C ILE A 121 1.89 10.72 8.60
N ARG A 122 2.39 9.65 9.22
CA ARG A 122 1.72 8.35 9.18
C ARG A 122 0.30 8.46 9.74
N GLN A 123 0.17 9.19 10.85
CA GLN A 123 -1.10 9.37 11.57
C GLN A 123 -2.07 10.27 10.80
N ALA A 124 -1.57 11.36 10.24
CA ALA A 124 -2.38 12.23 9.39
C ALA A 124 -2.96 11.48 8.18
N ILE A 125 -2.15 10.63 7.54
CA ILE A 125 -2.62 9.81 6.41
C ILE A 125 -3.66 8.77 6.85
N ALA A 126 -3.42 8.10 7.98
CA ALA A 126 -4.38 7.14 8.54
C ALA A 126 -5.72 7.83 8.84
N SER A 127 -5.65 9.02 9.43
CA SER A 127 -6.86 9.79 9.76
C SER A 127 -7.62 10.16 8.48
N LEU A 128 -6.92 10.71 7.51
CA LEU A 128 -7.53 11.05 6.21
C LEU A 128 -8.26 9.83 5.64
N ARG A 129 -7.54 8.71 5.59
CA ARG A 129 -8.04 7.44 5.13
C ARG A 129 -9.29 6.99 5.91
N GLN A 130 -9.29 7.24 7.22
CA GLN A 130 -10.40 6.82 8.06
C GLN A 130 -11.66 7.66 7.86
N ARG A 131 -11.48 8.96 7.61
CA ARG A 131 -12.61 9.86 7.38
C ARG A 131 -13.32 9.55 6.08
N ILE A 132 -12.55 9.10 5.09
CA ILE A 132 -13.08 8.61 3.81
C ILE A 132 -13.82 7.30 4.03
N THR A 133 -13.23 6.43 4.85
CA THR A 133 -13.88 5.18 5.19
C THR A 133 -15.21 5.43 5.92
N ASP A 134 -15.19 6.34 6.91
CA ASP A 134 -16.37 6.71 7.71
C ASP A 134 -17.50 7.30 6.88
N ASP A 135 -17.14 8.16 5.92
CA ASP A 135 -18.10 8.72 4.98
C ASP A 135 -18.86 7.62 4.24
N LEU A 136 -18.12 6.64 3.76
CA LEU A 136 -18.72 5.53 3.03
C LEU A 136 -19.61 4.68 3.93
N ALA A 137 -19.10 4.32 5.11
CA ALA A 137 -19.84 3.55 6.10
C ALA A 137 -21.18 4.21 6.47
N ALA A 138 -21.17 5.53 6.64
CA ALA A 138 -22.37 6.33 6.88
C ALA A 138 -23.31 6.33 5.67
N ASP A 139 -22.76 6.59 4.48
CA ASP A 139 -23.55 6.61 3.26
C ASP A 139 -24.22 5.27 3.02
N LEU A 140 -23.50 4.18 3.31
CA LEU A 140 -24.05 2.83 3.21
C LEU A 140 -25.28 2.66 4.11
N ALA A 141 -25.17 3.17 5.34
CA ALA A 141 -26.27 3.15 6.30
C ALA A 141 -27.44 4.02 5.81
N LEU A 142 -27.11 5.22 5.34
CA LEU A 142 -28.07 6.14 4.72
C LEU A 142 -28.83 5.44 3.58
N LEU A 143 -28.08 4.93 2.59
CA LEU A 143 -28.66 4.22 1.45
C LEU A 143 -29.53 3.05 1.90
N ASN A 144 -29.10 2.35 2.94
CA ASN A 144 -29.93 1.32 3.60
C ASN A 144 -30.26 0.13 2.69
N LYS A 145 -29.29 -0.29 1.88
CA LYS A 145 -29.47 -1.43 0.98
C LYS A 145 -28.87 -2.72 1.55
N MET A 146 -28.26 -2.60 2.73
CA MET A 146 -27.89 -3.75 3.56
C MET A 146 -28.35 -3.50 5.00
N PRO A 147 -29.69 -3.54 5.23
CA PRO A 147 -30.27 -3.21 6.54
C PRO A 147 -29.95 -4.21 7.64
N HIS A 148 -29.53 -5.41 7.23
CA HIS A 148 -29.17 -6.48 8.16
C HIS A 148 -27.80 -6.32 8.81
N LEU A 149 -26.99 -5.39 8.33
CA LEU A 149 -25.65 -5.16 8.87
C LEU A 149 -25.63 -4.01 9.88
N ASP A 150 -25.11 -4.30 11.08
CA ASP A 150 -25.01 -3.29 12.15
C ASP A 150 -23.82 -2.35 11.90
N GLY A 151 -23.70 -1.30 12.72
CA GLY A 151 -22.66 -0.27 12.57
C GLY A 151 -21.24 -0.82 12.48
N ALA A 152 -20.92 -1.76 13.36
CA ALA A 152 -19.59 -2.38 13.39
C ALA A 152 -19.28 -3.15 12.10
N ALA A 153 -20.30 -3.78 11.52
CA ALA A 153 -20.13 -4.55 10.29
C ALA A 153 -19.86 -3.63 9.12
N LEU A 154 -20.57 -2.50 9.05
CA LEU A 154 -20.37 -1.54 7.98
C LEU A 154 -18.98 -0.87 7.98
N ASP A 155 -18.40 -0.69 9.17
CA ASP A 155 -17.05 -0.12 9.33
C ASP A 155 -15.99 -1.05 8.77
N VAL A 156 -16.13 -2.35 9.05
CA VAL A 156 -15.23 -3.38 8.56
C VAL A 156 -15.38 -3.54 7.04
N PHE A 157 -16.63 -3.57 6.58
CA PHE A 157 -17.01 -3.61 5.15
C PHE A 157 -16.51 -2.39 4.38
N ALA A 158 -16.81 -1.19 4.88
CA ALA A 158 -16.34 0.06 4.28
C ALA A 158 -14.81 0.16 4.23
N ASP A 159 -14.13 -0.28 5.28
CA ASP A 159 -12.66 -0.39 5.29
C ASP A 159 -12.13 -1.30 4.16
N LEU A 160 -12.81 -2.42 3.92
CA LEU A 160 -12.46 -3.33 2.83
C LEU A 160 -12.61 -2.65 1.47
N VAL A 161 -13.75 -1.98 1.25
CA VAL A 161 -14.00 -1.28 -0.02
C VAL A 161 -12.89 -0.27 -0.32
N VAL A 162 -12.64 0.65 0.61
CA VAL A 162 -11.61 1.68 0.44
C VAL A 162 -10.22 1.12 0.12
N LYS A 163 -9.82 0.08 0.86
CA LYS A 163 -8.54 -0.57 0.71
C LYS A 163 -8.44 -1.25 -0.66
N THR A 164 -9.54 -1.89 -1.08
CA THR A 164 -9.60 -2.56 -2.38
C THR A 164 -9.26 -1.60 -3.53
N VAL A 165 -9.78 -0.39 -3.43
CA VAL A 165 -9.51 0.65 -4.42
C VAL A 165 -8.10 1.24 -4.23
N PHE A 166 -7.85 1.81 -3.05
CA PHE A 166 -6.62 2.55 -2.77
C PHE A 166 -5.37 1.70 -3.01
N ALA A 167 -5.39 0.46 -2.52
CA ALA A 167 -4.27 -0.46 -2.61
C ALA A 167 -3.97 -1.00 -4.02
N THR A 168 -4.74 -0.57 -5.01
CA THR A 168 -4.46 -0.89 -6.39
C THR A 168 -3.46 0.10 -6.99
N LEU A 169 -3.14 1.16 -6.24
CA LEU A 169 -2.17 2.17 -6.66
C LEU A 169 -0.86 1.64 -7.31
N PRO A 170 -0.22 0.60 -6.73
CA PRO A 170 1.01 0.06 -7.34
C PRO A 170 0.89 -0.33 -8.80
N GLU A 171 -0.34 -0.62 -9.23
CA GLU A 171 -0.62 -1.05 -10.62
C GLU A 171 -0.98 0.13 -11.55
N LEU A 172 -0.91 1.33 -11.00
CA LEU A 172 -1.30 2.55 -11.72
C LEU A 172 -0.09 3.46 -11.92
N ILE A 173 1.11 2.90 -11.74
CA ILE A 173 2.32 3.72 -11.90
C ILE A 173 2.90 3.60 -13.30
N ASP A 174 3.10 2.35 -13.73
CA ASP A 174 3.76 2.03 -14.99
C ASP A 174 2.73 1.46 -15.96
N PRO A 175 3.09 1.34 -17.25
CA PRO A 175 2.10 0.77 -18.16
C PRO A 175 1.94 -0.73 -17.91
N PRO A 176 0.76 -1.29 -18.19
CA PRO A 176 0.56 -2.71 -17.95
C PRO A 176 1.26 -3.57 -19.02
N ALA A 177 1.65 -4.79 -18.66
CA ALA A 177 2.23 -5.76 -19.61
C ALA A 177 1.33 -5.97 -20.82
N ALA A 178 1.93 -6.11 -21.99
CA ALA A 178 1.18 -6.33 -23.24
C ALA A 178 0.20 -7.51 -23.15
N ASP A 179 0.62 -8.60 -22.49
CA ASP A 179 -0.17 -9.83 -22.41
C ASP A 179 -1.14 -9.88 -21.21
N LEU A 180 -1.28 -8.76 -20.50
CA LEU A 180 -2.15 -8.68 -19.33
C LEU A 180 -3.62 -8.78 -19.72
N PRO A 181 -4.32 -9.82 -19.23
CA PRO A 181 -5.73 -10.07 -19.55
C PRO A 181 -6.65 -8.88 -19.20
N PRO A 182 -7.68 -8.64 -20.02
CA PRO A 182 -8.61 -7.54 -19.84
C PRO A 182 -9.20 -7.45 -18.42
N HIS A 183 -9.45 -8.59 -17.80
CA HIS A 183 -10.05 -8.62 -16.48
C HIS A 183 -9.04 -8.33 -15.35
N LEU A 184 -7.76 -8.29 -15.68
CA LEU A 184 -6.72 -7.98 -14.69
C LEU A 184 -6.15 -6.56 -14.87
N MET A 185 -6.72 -5.83 -15.82
CA MET A 185 -6.46 -4.40 -15.99
C MET A 185 -7.04 -3.65 -14.80
N PRO A 186 -6.20 -2.86 -14.10
CA PRO A 186 -6.56 -2.16 -12.85
C PRO A 186 -8.02 -1.63 -12.75
N ALA A 187 -8.49 -0.90 -13.75
CA ALA A 187 -9.87 -0.38 -13.74
C ALA A 187 -10.90 -1.51 -13.71
N ALA A 188 -10.73 -2.51 -14.57
CA ALA A 188 -11.65 -3.64 -14.60
C ALA A 188 -11.53 -4.49 -13.33
N LYS A 189 -10.31 -4.77 -12.88
CA LYS A 189 -10.08 -5.58 -11.69
C LYS A 189 -10.75 -5.00 -10.43
N ILE A 190 -10.50 -3.72 -10.14
CA ILE A 190 -11.17 -2.98 -9.06
C ILE A 190 -12.70 -3.09 -9.22
N THR A 191 -13.19 -2.86 -10.43
CA THR A 191 -14.63 -2.89 -10.69
C THR A 191 -15.19 -4.27 -10.36
N HIS A 192 -14.54 -5.32 -10.87
CA HIS A 192 -14.92 -6.70 -10.60
C HIS A 192 -14.88 -7.02 -9.09
N GLN A 193 -13.83 -6.56 -8.43
CA GLN A 193 -13.66 -6.81 -7.00
C GLN A 193 -14.70 -6.08 -6.15
N LEU A 194 -15.07 -4.87 -6.54
CA LEU A 194 -16.12 -4.12 -5.83
C LEU A 194 -17.53 -4.67 -6.03
N ARG A 195 -17.81 -5.14 -7.26
CA ARG A 195 -19.10 -5.80 -7.53
C ARG A 195 -19.20 -7.07 -6.71
N PHE A 196 -18.10 -7.81 -6.66
CA PHE A 196 -18.04 -8.98 -5.79
C PHE A 196 -18.30 -8.62 -4.33
N ILE A 197 -17.69 -7.53 -3.85
CA ILE A 197 -17.87 -7.12 -2.45
C ILE A 197 -19.34 -6.77 -2.18
N MET A 198 -19.96 -6.02 -3.08
CA MET A 198 -21.37 -5.65 -2.95
C MET A 198 -22.31 -6.84 -2.98
N ILE A 199 -22.03 -7.81 -3.85
CA ILE A 199 -22.76 -9.09 -3.90
C ILE A 199 -22.61 -9.83 -2.57
N GLY A 200 -21.37 -9.98 -2.10
CA GLY A 200 -21.08 -10.60 -0.81
C GLY A 200 -21.75 -9.92 0.37
N GLY A 201 -21.96 -8.61 0.25
CA GLY A 201 -22.67 -7.82 1.24
C GLY A 201 -24.11 -8.27 1.46
N LYS A 202 -24.74 -8.79 0.40
CA LYS A 202 -26.12 -9.28 0.49
C LYS A 202 -26.24 -10.45 1.44
N HIS A 203 -25.27 -11.37 1.35
CA HIS A 203 -25.35 -12.68 2.01
C HIS A 203 -24.57 -12.76 3.33
N TRP A 204 -23.89 -11.67 3.69
CA TRP A 204 -23.11 -11.60 4.92
C TRP A 204 -23.98 -11.23 6.11
N HIS A 205 -23.84 -11.99 7.20
CA HIS A 205 -24.58 -11.72 8.43
C HIS A 205 -23.83 -10.73 9.34
N GLY A 206 -22.60 -10.41 8.96
CA GLY A 206 -21.79 -9.47 9.73
C GLY A 206 -20.88 -10.15 10.72
N LEU A 207 -20.71 -9.52 11.88
CA LEU A 207 -19.71 -9.96 12.84
C LEU A 207 -20.32 -10.86 13.93
N PRO A 208 -19.54 -11.84 14.42
CA PRO A 208 -19.95 -12.73 15.51
C PRO A 208 -20.51 -11.99 16.73
N ALA B 2 33.84 -24.43 -8.93
CA ALA B 2 33.47 -23.41 -7.91
C ALA B 2 34.48 -22.28 -7.79
N SER B 3 33.97 -21.09 -7.48
CA SER B 3 34.78 -19.92 -7.25
C SER B 3 35.39 -20.00 -5.86
N PRO B 4 36.68 -19.63 -5.73
CA PRO B 4 37.35 -19.69 -4.42
C PRO B 4 36.68 -18.82 -3.37
N ARG B 5 36.67 -19.28 -2.12
CA ARG B 5 36.16 -18.51 -0.99
C ARG B 5 34.68 -18.08 -1.15
N ALA B 6 33.84 -19.03 -1.58
CA ALA B 6 32.43 -18.76 -1.87
C ALA B 6 31.58 -18.43 -0.63
N GLU B 7 31.86 -19.11 0.48
CA GLU B 7 31.22 -18.82 1.78
C GLU B 7 31.51 -17.39 2.22
N GLN B 8 32.78 -16.98 2.14
CA GLN B 8 33.24 -15.64 2.49
C GLN B 8 32.52 -14.56 1.68
N LYS B 9 32.50 -14.73 0.36
CA LYS B 9 31.79 -13.84 -0.53
C LYS B 9 30.30 -13.77 -0.14
N GLN B 10 29.70 -14.92 0.14
CA GLN B 10 28.29 -14.99 0.50
C GLN B 10 27.97 -14.22 1.78
N GLN B 11 28.79 -14.41 2.83
CA GLN B 11 28.59 -13.66 4.07
C GLN B 11 28.73 -12.13 3.92
N THR B 12 29.60 -11.70 3.02
CA THR B 12 29.75 -10.29 2.73
C THR B 12 28.53 -9.75 2.00
N ARG B 13 28.02 -10.53 1.07
CA ARG B 13 26.79 -10.21 0.35
C ARG B 13 25.61 -10.04 1.32
N HIS B 14 25.45 -11.01 2.22
CA HIS B 14 24.41 -10.95 3.23
C HIS B 14 24.59 -9.75 4.15
N ALA B 15 25.84 -9.46 4.49
CA ALA B 15 26.18 -8.29 5.31
C ALA B 15 25.75 -6.98 4.65
N LEU B 16 25.96 -6.86 3.34
CA LEU B 16 25.57 -5.67 2.57
C LEU B 16 24.06 -5.53 2.51
N MET B 17 23.37 -6.66 2.31
CA MET B 17 21.92 -6.71 2.24
C MET B 17 21.32 -6.34 3.61
N SER B 18 21.87 -6.95 4.64
CA SER B 18 21.48 -6.72 6.03
C SER B 18 21.73 -5.27 6.47
N ALA B 19 22.83 -4.69 5.98
CA ALA B 19 23.15 -3.28 6.21
C ALA B 19 22.11 -2.34 5.58
N ALA B 20 21.71 -2.64 4.34
CA ALA B 20 20.66 -1.87 3.68
C ALA B 20 19.34 -1.91 4.48
N ARG B 21 18.94 -3.10 4.91
CA ARG B 21 17.70 -3.25 5.69
C ARG B 21 17.78 -2.45 6.99
N HIS B 22 18.94 -2.54 7.65
CA HIS B 22 19.15 -1.77 8.87
C HIS B 22 18.99 -0.27 8.67
N LEU B 23 19.56 0.26 7.59
CA LEU B 23 19.44 1.69 7.29
C LEU B 23 18.02 2.15 6.94
N MET B 24 17.16 1.21 6.58
CA MET B 24 15.80 1.53 6.17
C MET B 24 14.77 1.26 7.27
N GLU B 25 15.27 0.89 8.44
CA GLU B 25 14.43 0.57 9.59
C GLU B 25 13.51 1.70 10.05
N SER B 26 13.97 2.94 9.99
CA SER B 26 13.14 4.06 10.45
C SER B 26 12.41 4.78 9.29
N GLY B 27 12.27 4.09 8.16
CA GLY B 27 11.41 4.58 7.08
C GLY B 27 12.08 5.23 5.90
N ARG B 28 13.42 5.26 5.89
CA ARG B 28 14.18 5.73 4.73
C ARG B 28 13.90 4.84 3.51
N GLY B 29 13.67 5.48 2.37
CA GLY B 29 13.48 4.78 1.11
C GLY B 29 14.79 4.20 0.61
N PHE B 30 14.67 3.12 -0.18
CA PHE B 30 15.85 2.49 -0.75
C PHE B 30 16.67 3.45 -1.60
N GLY B 31 15.95 4.30 -2.35
CA GLY B 31 16.55 5.23 -3.30
C GLY B 31 17.40 6.31 -2.66
N SER B 32 17.25 6.51 -1.35
CA SER B 32 18.02 7.51 -0.62
C SER B 32 19.33 6.95 -0.08
N LEU B 33 19.50 5.63 -0.11
CA LEU B 33 20.73 5.02 0.41
C LEU B 33 21.89 5.21 -0.57
N SER B 34 23.05 5.56 -0.04
CA SER B 34 24.24 5.58 -0.88
C SER B 34 25.03 4.29 -0.70
N LEU B 35 25.71 3.89 -1.78
CA LEU B 35 26.65 2.77 -1.75
C LEU B 35 27.54 2.81 -0.51
N ARG B 36 28.08 3.99 -0.20
CA ARG B 36 29.08 4.16 0.86
C ARG B 36 28.60 3.78 2.26
N GLU B 37 27.38 4.19 2.63
CA GLU B 37 26.81 3.87 3.93
C GLU B 37 26.75 2.36 4.07
N VAL B 38 26.30 1.71 3.00
CA VAL B 38 26.07 0.28 2.99
C VAL B 38 27.39 -0.49 3.09
N THR B 39 28.38 -0.08 2.30
CA THR B 39 29.69 -0.77 2.34
C THR B 39 30.45 -0.57 3.65
N ARG B 40 30.34 0.61 4.24
CA ARG B 40 30.95 0.89 5.53
C ARG B 40 30.34 0.03 6.64
N ALA B 41 29.01 -0.02 6.69
CA ALA B 41 28.28 -0.84 7.66
C ALA B 41 28.59 -2.32 7.45
N ALA B 42 28.88 -2.70 6.21
CA ALA B 42 29.30 -4.06 5.86
C ALA B 42 30.75 -4.36 6.24
N GLY B 43 31.53 -3.32 6.52
CA GLY B 43 32.93 -3.50 6.87
C GLY B 43 33.84 -3.85 5.71
N ILE B 44 33.51 -3.36 4.52
CA ILE B 44 34.41 -3.50 3.36
C ILE B 44 34.68 -2.14 2.70
N VAL B 45 35.79 -2.05 1.97
CA VAL B 45 36.12 -0.86 1.17
C VAL B 45 35.02 -0.53 0.12
N PRO B 46 34.92 0.75 -0.30
CA PRO B 46 33.90 1.14 -1.28
C PRO B 46 33.95 0.33 -2.58
N ALA B 47 35.16 0.08 -3.08
CA ALA B 47 35.36 -0.70 -4.29
C ALA B 47 34.85 -2.14 -4.17
N GLY B 48 34.81 -2.67 -2.95
CA GLY B 48 34.37 -4.04 -2.70
C GLY B 48 32.91 -4.34 -2.95
N PHE B 49 32.10 -3.28 -3.14
CA PHE B 49 30.68 -3.41 -3.46
C PHE B 49 30.48 -4.10 -4.80
N TYR B 50 31.38 -3.81 -5.73
CA TYR B 50 31.26 -4.25 -7.12
C TYR B 50 31.55 -5.72 -7.34
N ARG B 51 32.15 -6.38 -6.35
CA ARG B 51 32.32 -7.84 -6.38
C ARG B 51 30.97 -8.54 -6.25
N HIS B 52 29.98 -7.85 -5.68
CA HIS B 52 28.68 -8.44 -5.35
C HIS B 52 27.54 -7.91 -6.20
N PHE B 53 27.53 -6.60 -6.43
CA PHE B 53 26.44 -5.96 -7.16
C PHE B 53 27.02 -4.88 -8.09
N SER B 54 26.53 -4.81 -9.32
CA SER B 54 26.98 -3.79 -10.27
C SER B 54 26.48 -2.40 -9.89
N ASP B 55 25.35 -2.35 -9.19
CA ASP B 55 24.79 -1.08 -8.69
C ASP B 55 23.82 -1.29 -7.53
N MET B 56 23.28 -0.19 -6.98
CA MET B 56 22.32 -0.27 -5.89
C MET B 56 20.99 -0.95 -6.28
N ASP B 57 20.54 -0.72 -7.51
CA ASP B 57 19.39 -1.45 -8.06
C ASP B 57 19.53 -2.95 -7.85
N GLN B 58 20.70 -3.50 -8.20
CA GLN B 58 20.96 -4.93 -8.05
C GLN B 58 20.89 -5.42 -6.61
N LEU B 59 21.40 -4.60 -5.69
CA LEU B 59 21.23 -4.84 -4.26
C LEU B 59 19.74 -4.87 -3.83
N GLY B 60 18.96 -3.90 -4.29
CA GLY B 60 17.52 -3.88 -4.02
C GLY B 60 16.78 -5.06 -4.64
N LEU B 61 17.21 -5.48 -5.82
CA LEU B 61 16.64 -6.65 -6.46
C LEU B 61 16.91 -7.90 -5.63
N ALA B 62 18.10 -7.96 -5.03
CA ALA B 62 18.43 -9.07 -4.13
C ALA B 62 17.60 -9.11 -2.84
N LEU B 63 17.19 -7.95 -2.33
CA LEU B 63 16.32 -7.91 -1.15
C LEU B 63 14.93 -8.48 -1.44
N VAL B 64 14.42 -8.20 -2.63
CA VAL B 64 13.12 -8.70 -3.03
C VAL B 64 13.16 -10.21 -3.17
N ALA B 65 14.21 -10.71 -3.84
CA ALA B 65 14.38 -12.13 -4.13
C ALA B 65 14.41 -13.01 -2.88
N GLU B 66 14.86 -12.45 -1.76
CA GLU B 66 14.92 -13.17 -0.49
C GLU B 66 13.56 -13.73 -0.03
N VAL B 67 12.50 -12.94 -0.20
CA VAL B 67 11.15 -13.33 0.24
C VAL B 67 10.61 -14.54 -0.53
N ASP B 68 11.02 -14.67 -1.78
CA ASP B 68 10.55 -15.72 -2.69
C ASP B 68 10.82 -17.15 -2.19
N GLU B 69 11.93 -17.35 -1.46
CA GLU B 69 12.34 -18.68 -0.97
C GLU B 69 12.11 -18.88 0.53
N THR B 70 11.54 -17.87 1.20
CA THR B 70 11.22 -18.00 2.61
C THR B 70 9.71 -17.93 2.85
N PHE B 71 9.20 -16.71 2.90
CA PHE B 71 7.80 -16.44 3.17
C PHE B 71 6.86 -17.15 2.20
N ARG B 72 7.18 -17.03 0.91
CA ARG B 72 6.33 -17.52 -0.15
C ARG B 72 5.96 -18.99 -0.01
N ALA B 73 6.94 -19.82 0.38
CA ALA B 73 6.73 -21.26 0.53
C ALA B 73 5.89 -21.63 1.75
N THR B 74 5.99 -20.84 2.82
CA THR B 74 5.24 -21.15 4.06
C THR B 74 3.72 -20.92 3.93
N LEU B 75 3.32 -19.94 3.12
CA LEU B 75 1.91 -19.72 2.81
C LEU B 75 1.36 -20.87 2.00
N ARG B 76 2.18 -21.34 1.07
CA ARG B 76 1.87 -22.49 0.24
C ARG B 76 1.78 -23.74 1.12
N ALA B 77 2.74 -23.91 2.02
CA ALA B 77 2.78 -25.07 2.92
C ALA B 77 1.54 -25.24 3.78
N VAL B 78 1.07 -24.16 4.39
CA VAL B 78 -0.01 -24.20 5.38
C VAL B 78 -1.37 -24.62 4.78
N ARG B 79 -1.46 -24.61 3.45
CA ARG B 79 -2.73 -24.92 2.77
C ARG B 79 -3.01 -26.43 2.64
N ARG B 80 -1.97 -27.24 2.84
CA ARG B 80 -2.09 -28.69 2.85
C ARG B 80 -2.81 -29.22 4.09
N ASN B 81 -2.46 -28.68 5.25
CA ASN B 81 -2.90 -29.20 6.56
C ASN B 81 -4.37 -28.94 6.87
N GLU B 82 -4.74 -27.66 6.94
CA GLU B 82 -6.04 -27.23 7.46
C GLU B 82 -7.21 -27.56 6.51
N GLY B 86 -13.14 -22.31 8.07
CA GLY B 86 -12.68 -22.48 9.44
C GLY B 86 -11.37 -21.78 9.72
N GLY B 87 -10.29 -22.56 9.83
CA GLY B 87 -9.01 -22.09 10.37
C GLY B 87 -7.81 -22.02 9.44
N LEU B 88 -8.03 -22.20 8.14
CA LEU B 88 -6.98 -21.91 7.15
C LEU B 88 -6.73 -20.39 7.11
N ILE B 89 -7.78 -19.62 7.35
CA ILE B 89 -7.73 -18.17 7.44
C ILE B 89 -6.82 -17.71 8.57
N ASP B 90 -7.13 -18.13 9.80
CA ASP B 90 -6.37 -17.75 11.00
C ASP B 90 -4.88 -18.07 10.86
N ALA B 91 -4.56 -19.28 10.41
CA ALA B 91 -3.16 -19.70 10.20
C ALA B 91 -2.45 -18.87 9.13
N SER B 92 -3.14 -18.58 8.02
CA SER B 92 -2.55 -17.75 6.97
C SER B 92 -2.33 -16.31 7.43
N VAL B 93 -3.30 -15.76 8.18
CA VAL B 93 -3.15 -14.43 8.77
C VAL B 93 -1.97 -14.41 9.74
N ARG B 94 -1.93 -15.39 10.64
CA ARG B 94 -0.85 -15.56 11.60
C ARG B 94 0.53 -15.68 10.95
N ILE B 95 0.62 -16.40 9.84
CA ILE B 95 1.89 -16.54 9.14
C ILE B 95 2.38 -15.18 8.60
N PHE B 96 1.45 -14.40 8.07
CA PHE B 96 1.74 -13.02 7.65
C PHE B 96 2.13 -12.15 8.85
N LEU B 97 1.26 -12.07 9.85
CA LEU B 97 1.54 -11.30 11.06
C LEU B 97 2.91 -11.63 11.67
N ASP B 98 3.20 -12.92 11.89
CA ASP B 98 4.52 -13.39 12.36
C ASP B 98 5.70 -12.94 11.50
N ALA B 99 5.54 -13.02 10.19
CA ALA B 99 6.63 -12.66 9.27
C ALA B 99 6.90 -11.18 9.33
N VAL B 100 5.84 -10.38 9.44
CA VAL B 100 5.95 -8.93 9.62
C VAL B 100 6.67 -8.54 10.92
N GLY B 101 6.34 -9.21 12.03
CA GLY B 101 6.95 -8.91 13.33
C GLY B 101 8.45 -9.19 13.35
N ALA B 102 8.82 -10.38 12.87
CA ALA B 102 10.21 -10.85 12.82
C ALA B 102 11.09 -10.24 11.71
N ASN B 103 10.46 -9.62 10.72
CA ASN B 103 11.16 -9.02 9.59
C ASN B 103 10.52 -7.73 9.12
N ARG B 104 10.35 -6.80 10.06
CA ARG B 104 9.56 -5.62 9.80
C ARG B 104 10.05 -4.76 8.64
N SER B 105 11.35 -4.47 8.65
CA SER B 105 11.97 -3.55 7.70
C SER B 105 11.78 -4.02 6.26
N GLN B 106 11.96 -5.32 6.05
CA GLN B 106 11.83 -5.97 4.76
C GLN B 106 10.41 -5.87 4.19
N PHE B 107 9.38 -6.11 5.03
CA PHE B 107 7.99 -5.96 4.57
C PHE B 107 7.61 -4.53 4.24
N LEU B 108 8.06 -3.60 5.09
CA LEU B 108 7.91 -2.17 4.85
C LEU B 108 8.63 -1.74 3.58
N PHE B 109 9.84 -2.26 3.37
CA PHE B 109 10.55 -2.13 2.10
C PHE B 109 9.70 -2.60 0.91
N LEU B 110 9.14 -3.82 1.00
CA LEU B 110 8.35 -4.38 -0.12
C LEU B 110 7.17 -3.47 -0.43
N ALA B 111 6.48 -3.02 0.62
CA ALA B 111 5.29 -2.20 0.43
C ALA B 111 5.65 -0.82 -0.10
N ARG B 112 6.66 -0.18 0.52
CA ARG B 112 7.06 1.18 0.19
C ARG B 112 7.66 1.33 -1.21
N GLU B 113 8.54 0.40 -1.60
CA GLU B 113 9.29 0.50 -2.86
C GLU B 113 8.44 0.19 -4.09
N GLN B 114 7.21 -0.27 -3.89
CA GLN B 114 6.20 -0.25 -4.94
C GLN B 114 6.02 1.15 -5.52
N TYR B 115 6.29 2.16 -4.69
CA TYR B 115 6.08 3.56 -5.06
C TYR B 115 7.42 4.30 -5.16
N GLY B 116 8.50 3.54 -5.24
CA GLY B 116 9.84 4.11 -5.27
C GLY B 116 10.24 4.45 -6.70
N GLY B 117 11.47 4.94 -6.85
CA GLY B 117 11.93 5.47 -8.14
C GLY B 117 12.56 4.46 -9.08
N SER B 118 12.73 3.23 -8.62
CA SER B 118 13.33 2.19 -9.44
C SER B 118 12.27 1.34 -10.15
N LEU B 119 12.28 1.39 -11.48
CA LEU B 119 11.41 0.57 -12.29
C LEU B 119 11.70 -0.93 -12.08
N PRO B 120 12.98 -1.34 -12.22
CA PRO B 120 13.25 -2.75 -11.95
C PRO B 120 12.71 -3.24 -10.60
N ILE B 121 12.91 -2.45 -9.54
CA ILE B 121 12.43 -2.84 -8.20
C ILE B 121 10.87 -2.86 -8.10
N ARG B 122 10.21 -1.90 -8.73
CA ARG B 122 8.73 -1.90 -8.80
C ARG B 122 8.22 -3.16 -9.50
N GLN B 123 8.89 -3.54 -10.57
CA GLN B 123 8.52 -4.71 -11.35
C GLN B 123 8.79 -6.01 -10.58
N ALA B 124 9.92 -6.06 -9.88
CA ALA B 124 10.27 -7.26 -9.12
C ALA B 124 9.32 -7.51 -7.94
N ILE B 125 8.89 -6.45 -7.27
CA ILE B 125 7.90 -6.60 -6.19
C ILE B 125 6.54 -7.04 -6.77
N ALA B 126 6.13 -6.45 -7.89
CA ALA B 126 4.89 -6.83 -8.57
C ALA B 126 4.88 -8.32 -8.92
N SER B 127 5.98 -8.80 -9.52
CA SER B 127 6.13 -10.21 -9.87
C SER B 127 6.07 -11.10 -8.63
N LEU B 128 6.79 -10.73 -7.57
CA LEU B 128 6.69 -11.44 -6.30
C LEU B 128 5.24 -11.50 -5.82
N ARG B 129 4.56 -10.35 -5.83
CA ARG B 129 3.15 -10.30 -5.46
C ARG B 129 2.29 -11.21 -6.31
N GLN B 130 2.55 -11.22 -7.61
CA GLN B 130 1.77 -12.02 -8.53
C GLN B 130 1.99 -13.52 -8.33
N ARG B 131 3.24 -13.90 -8.02
CA ARG B 131 3.56 -15.30 -7.78
C ARG B 131 2.82 -15.82 -6.57
N ILE B 132 2.74 -14.99 -5.54
CA ILE B 132 1.99 -15.30 -4.33
C ILE B 132 0.51 -15.45 -4.66
N THR B 133 -0.01 -14.54 -5.47
CA THR B 133 -1.39 -14.58 -5.88
C THR B 133 -1.69 -15.83 -6.71
N ASP B 134 -0.80 -16.17 -7.64
CA ASP B 134 -0.92 -17.38 -8.49
C ASP B 134 -0.95 -18.68 -7.68
N ASP B 135 -0.10 -18.75 -6.65
CA ASP B 135 -0.05 -19.92 -5.77
C ASP B 135 -1.41 -20.11 -5.09
N LEU B 136 -2.00 -19.01 -4.65
CA LEU B 136 -3.30 -19.06 -3.98
C LEU B 136 -4.40 -19.47 -4.95
N ALA B 137 -4.45 -18.81 -6.11
CA ALA B 137 -5.42 -19.14 -7.16
C ALA B 137 -5.40 -20.63 -7.52
N ALA B 138 -4.20 -21.20 -7.65
CA ALA B 138 -4.04 -22.62 -7.97
C ALA B 138 -4.51 -23.51 -6.82
N ASP B 139 -4.12 -23.15 -5.60
CA ASP B 139 -4.60 -23.85 -4.43
C ASP B 139 -6.10 -23.78 -4.23
N LEU B 140 -6.73 -22.67 -4.60
CA LEU B 140 -8.19 -22.57 -4.47
C LEU B 140 -8.92 -23.49 -5.44
N ALA B 141 -8.32 -23.67 -6.62
CA ALA B 141 -8.79 -24.64 -7.61
C ALA B 141 -8.60 -26.07 -7.09
N LEU B 142 -7.40 -26.37 -6.56
CA LEU B 142 -7.12 -27.70 -5.99
C LEU B 142 -8.06 -28.05 -4.85
N LEU B 143 -8.18 -27.14 -3.88
CA LEU B 143 -9.06 -27.34 -2.72
C LEU B 143 -10.53 -27.42 -3.09
N ASN B 144 -10.87 -26.87 -4.25
CA ASN B 144 -12.14 -27.11 -4.93
C ASN B 144 -13.42 -26.90 -4.13
N LYS B 145 -13.41 -25.93 -3.22
CA LYS B 145 -14.61 -25.56 -2.47
C LYS B 145 -15.37 -24.41 -3.13
N MET B 146 -14.82 -23.88 -4.24
CA MET B 146 -15.57 -22.98 -5.12
C MET B 146 -15.53 -23.47 -6.59
N PRO B 147 -16.11 -24.67 -6.85
CA PRO B 147 -16.03 -25.33 -8.16
C PRO B 147 -16.78 -24.62 -9.29
N HIS B 148 -17.55 -23.60 -8.94
CA HIS B 148 -18.31 -22.79 -9.91
C HIS B 148 -17.50 -21.65 -10.49
N LEU B 149 -16.37 -21.34 -9.87
CA LEU B 149 -15.51 -20.25 -10.34
C LEU B 149 -14.41 -20.79 -11.24
N ASP B 150 -14.38 -20.30 -12.48
CA ASP B 150 -13.32 -20.69 -13.42
C ASP B 150 -11.99 -19.98 -13.13
N GLY B 151 -11.01 -20.20 -14.01
CA GLY B 151 -9.64 -19.73 -13.80
C GLY B 151 -9.54 -18.23 -13.68
N ALA B 152 -10.19 -17.53 -14.60
CA ALA B 152 -10.17 -16.07 -14.66
C ALA B 152 -10.73 -15.44 -13.38
N ALA B 153 -11.89 -15.95 -12.94
CA ALA B 153 -12.51 -15.50 -11.70
C ALA B 153 -11.65 -15.76 -10.48
N LEU B 154 -10.98 -16.91 -10.41
CA LEU B 154 -10.10 -17.22 -9.29
C LEU B 154 -8.88 -16.30 -9.21
N ASP B 155 -8.40 -15.85 -10.36
CA ASP B 155 -7.27 -14.90 -10.43
C ASP B 155 -7.69 -13.57 -9.82
N VAL B 156 -8.89 -13.11 -10.14
CA VAL B 156 -9.43 -11.86 -9.61
C VAL B 156 -9.69 -12.00 -8.11
N PHE B 157 -10.28 -13.13 -7.74
CA PHE B 157 -10.59 -13.46 -6.34
C PHE B 157 -9.31 -13.56 -5.50
N ALA B 158 -8.32 -14.28 -6.01
CA ALA B 158 -7.04 -14.45 -5.33
C ALA B 158 -6.29 -13.12 -5.16
N ASP B 159 -6.35 -12.26 -6.17
CA ASP B 159 -5.78 -10.91 -6.06
C ASP B 159 -6.43 -10.13 -4.92
N LEU B 160 -7.75 -10.22 -4.81
CA LEU B 160 -8.45 -9.50 -3.75
C LEU B 160 -7.99 -9.99 -2.37
N VAL B 161 -7.88 -11.30 -2.19
CA VAL B 161 -7.42 -11.88 -0.93
C VAL B 161 -6.04 -11.34 -0.53
N VAL B 162 -5.06 -11.50 -1.42
CA VAL B 162 -3.68 -11.11 -1.14
C VAL B 162 -3.56 -9.63 -0.78
N LYS B 163 -4.24 -8.78 -1.55
CA LYS B 163 -4.26 -7.34 -1.32
C LYS B 163 -4.89 -7.03 0.03
N THR B 164 -6.02 -7.68 0.32
CA THR B 164 -6.71 -7.48 1.59
C THR B 164 -5.78 -7.67 2.78
N VAL B 165 -4.94 -8.71 2.71
CA VAL B 165 -4.00 -9.00 3.81
C VAL B 165 -2.85 -8.00 3.77
N PHE B 166 -2.20 -7.90 2.61
CA PHE B 166 -0.96 -7.14 2.44
C PHE B 166 -1.16 -5.65 2.68
N ALA B 167 -2.23 -5.10 2.13
CA ALA B 167 -2.51 -3.65 2.22
C ALA B 167 -2.91 -3.18 3.61
N THR B 168 -2.92 -4.10 4.58
CA THR B 168 -3.19 -3.75 5.96
C THR B 168 -1.90 -3.30 6.65
N LEU B 169 -0.78 -3.46 5.96
CA LEU B 169 0.53 -3.14 6.51
C LEU B 169 0.65 -1.75 7.21
N PRO B 170 0.05 -0.68 6.63
CA PRO B 170 0.15 0.63 7.33
C PRO B 170 -0.37 0.60 8.76
N GLU B 171 -1.22 -0.36 9.07
CA GLU B 171 -1.86 -0.46 10.39
C GLU B 171 -1.07 -1.35 11.37
N LEU B 172 0.12 -1.78 10.94
CA LEU B 172 0.92 -2.74 11.68
C LEU B 172 2.29 -2.17 12.01
N ILE B 173 2.40 -0.85 11.96
CA ILE B 173 3.67 -0.18 12.18
C ILE B 173 3.70 0.39 13.59
N ASP B 174 2.67 1.14 13.92
CA ASP B 174 2.57 1.85 15.19
C ASP B 174 1.52 1.17 16.07
N PRO B 175 1.54 1.45 17.39
CA PRO B 175 0.55 0.79 18.24
C PRO B 175 -0.84 1.37 17.98
N PRO B 176 -1.89 0.53 18.03
CA PRO B 176 -3.24 1.03 17.80
C PRO B 176 -3.70 2.00 18.89
N ALA B 177 -4.63 2.91 18.54
CA ALA B 177 -5.27 3.80 19.50
C ALA B 177 -5.92 3.02 20.63
N ALA B 178 -5.75 3.51 21.85
CA ALA B 178 -6.36 2.90 23.04
C ALA B 178 -7.84 2.54 22.82
N ASP B 179 -8.57 3.43 22.15
CA ASP B 179 -10.02 3.28 21.95
C ASP B 179 -10.44 2.50 20.68
N LEU B 180 -9.46 2.02 19.91
CA LEU B 180 -9.76 1.21 18.73
C LEU B 180 -10.60 -0.03 19.12
N PRO B 181 -11.78 -0.19 18.51
CA PRO B 181 -12.64 -1.35 18.76
C PRO B 181 -11.96 -2.69 18.41
N PRO B 182 -12.25 -3.77 19.16
CA PRO B 182 -11.52 -5.02 18.90
C PRO B 182 -11.77 -5.61 17.51
N HIS B 183 -12.92 -5.29 16.92
CA HIS B 183 -13.21 -5.74 15.56
C HIS B 183 -12.46 -4.93 14.48
N LEU B 184 -11.80 -3.85 14.89
CA LEU B 184 -11.01 -3.03 13.96
C LEU B 184 -9.48 -3.10 14.19
N MET B 185 -9.08 -3.88 15.19
CA MET B 185 -7.68 -4.24 15.40
C MET B 185 -7.19 -5.08 14.21
N PRO B 186 -6.02 -4.74 13.65
CA PRO B 186 -5.44 -5.33 12.42
C PRO B 186 -5.68 -6.85 12.22
N ALA B 187 -5.30 -7.67 13.20
CA ALA B 187 -5.49 -9.13 13.13
C ALA B 187 -6.95 -9.54 12.91
N ALA B 188 -7.87 -9.01 13.72
CA ALA B 188 -9.27 -9.39 13.65
C ALA B 188 -9.93 -8.85 12.38
N LYS B 189 -9.59 -7.62 12.02
CA LYS B 189 -10.15 -6.97 10.85
C LYS B 189 -9.84 -7.73 9.56
N ILE B 190 -8.58 -8.11 9.35
CA ILE B 190 -8.16 -8.97 8.23
C ILE B 190 -8.99 -10.25 8.24
N THR B 191 -9.08 -10.86 9.42
CA THR B 191 -9.81 -12.13 9.60
C THR B 191 -11.27 -12.03 9.20
N HIS B 192 -11.99 -11.05 9.75
CA HIS B 192 -13.41 -10.80 9.40
C HIS B 192 -13.55 -10.55 7.89
N GLN B 193 -12.60 -9.79 7.34
CA GLN B 193 -12.62 -9.48 5.91
C GLN B 193 -12.37 -10.69 5.00
N LEU B 194 -11.48 -11.59 5.42
CA LEU B 194 -11.23 -12.82 4.67
C LEU B 194 -12.35 -13.82 4.77
N ARG B 195 -13.01 -13.89 5.92
CA ARG B 195 -14.21 -14.73 6.10
C ARG B 195 -15.33 -14.18 5.25
N PHE B 196 -15.49 -12.87 5.26
CA PHE B 196 -16.45 -12.22 4.38
C PHE B 196 -16.16 -12.53 2.91
N ILE B 197 -14.89 -12.52 2.53
CA ILE B 197 -14.53 -12.78 1.14
C ILE B 197 -14.89 -14.21 0.79
N MET B 198 -14.60 -15.15 1.69
CA MET B 198 -14.88 -16.57 1.46
C MET B 198 -16.37 -16.85 1.32
N ILE B 199 -17.18 -16.22 2.18
CA ILE B 199 -18.64 -16.27 2.09
C ILE B 199 -19.08 -15.70 0.75
N GLY B 200 -18.50 -14.57 0.37
CA GLY B 200 -18.82 -13.92 -0.91
C GLY B 200 -18.53 -14.82 -2.10
N GLY B 201 -17.44 -15.58 -2.01
CA GLY B 201 -17.08 -16.53 -3.05
C GLY B 201 -18.18 -17.53 -3.39
N LYS B 202 -18.93 -17.97 -2.37
CA LYS B 202 -19.98 -18.98 -2.53
C LYS B 202 -21.13 -18.51 -3.42
N HIS B 203 -21.41 -17.21 -3.38
CA HIS B 203 -22.57 -16.63 -4.07
C HIS B 203 -22.25 -15.93 -5.39
N TRP B 204 -20.96 -15.72 -5.64
CA TRP B 204 -20.48 -15.01 -6.82
C TRP B 204 -20.52 -15.90 -8.06
N HIS B 205 -21.09 -15.40 -9.16
CA HIS B 205 -21.11 -16.15 -10.44
C HIS B 205 -19.73 -16.18 -11.11
N GLY B 206 -18.87 -15.24 -10.72
CA GLY B 206 -17.60 -15.02 -11.42
C GLY B 206 -17.67 -13.78 -12.28
N LEU B 207 -16.89 -13.76 -13.37
CA LEU B 207 -16.78 -12.61 -14.26
C LEU B 207 -17.81 -12.66 -15.40
N PRO B 208 -18.21 -11.48 -15.94
CA PRO B 208 -19.15 -11.47 -17.07
C PRO B 208 -18.63 -12.26 -18.28
C1 PLM C . -22.44 1.20 -3.94
O2 PLM C . -22.26 -0.01 -3.91
C2 PLM C . -21.47 2.11 -3.21
C3 PLM C . -20.06 1.74 -3.67
C4 PLM C . -19.00 2.64 -3.03
C5 PLM C . -17.88 2.89 -4.05
C6 PLM C . -16.50 2.77 -3.42
C7 PLM C . -15.83 4.12 -3.21
C8 PLM C . -14.35 4.07 -3.61
C9 PLM C . -13.46 4.22 -2.40
CA PLM C . -12.46 5.36 -2.60
CB PLM C . -11.17 5.12 -1.83
CC PLM C . -10.32 6.38 -1.82
CD PLM C . -8.84 6.08 -1.67
CE PLM C . -8.08 7.28 -1.13
CF PLM C . -7.46 6.99 0.23
CG PLM C . -6.50 8.08 0.65
N1A COA D . -22.25 -12.75 -9.60
C2A COA D . -21.90 -11.90 -10.58
N3A COA D . -22.74 -10.96 -11.00
C4A COA D . -23.99 -10.83 -10.45
C5A COA D . -24.37 -11.70 -9.44
C6A COA D . -23.47 -12.67 -9.02
N6A COA D . -23.82 -13.53 -8.02
N7A COA D . -25.62 -11.37 -9.06
C8A COA D . -26.01 -10.32 -9.83
N9A COA D . -25.02 -10.00 -10.68
C1B COA D . -25.05 -8.88 -11.68
C2B COA D . -25.46 -9.31 -13.09
O2B COA D . -24.32 -9.69 -13.89
C3B COA D . -26.18 -8.07 -13.65
O3B COA D . -25.29 -7.23 -14.43
P3B COA D . -25.40 -5.62 -14.63
O7A COA D . -24.78 -5.40 -16.01
O8A COA D . -24.57 -5.05 -13.48
O9A COA D . -26.87 -5.25 -14.57
C4B COA D . -26.70 -7.33 -12.41
O4B COA D . -25.98 -7.87 -11.28
C5B COA D . -28.22 -7.46 -12.28
O5B COA D . -28.57 -8.50 -11.34
P1A COA D . -29.10 -8.14 -9.86
O1A COA D . -29.00 -9.40 -9.02
O2A COA D . -30.46 -7.46 -9.98
O3A COA D . -28.00 -7.10 -9.28
P2A COA D . -28.13 -5.48 -9.22
O4A COA D . -29.53 -5.04 -9.60
O5A COA D . -26.94 -4.88 -9.96
O6A COA D . -27.90 -5.19 -7.65
CBP COA D . -29.46 -4.94 -5.78
CCP COA D . -28.72 -4.26 -6.94
CDP COA D . -30.51 -5.88 -6.36
CEP COA D . -30.18 -3.84 -5.01
CAP COA D . -28.49 -5.74 -4.89
OAP COA D . -29.09 -6.01 -3.61
C9P COA D . -27.15 -5.08 -4.67
O9P COA D . -26.14 -5.55 -5.17
N8P COA D . -27.16 -3.98 -3.92
C7P COA D . -26.07 -3.11 -3.52
C6P COA D . -26.84 -1.91 -2.98
C5P COA D . -25.95 -0.97 -2.21
O5P COA D . -25.55 -1.28 -1.09
N4P COA D . -25.65 0.19 -2.79
C3P COA D . -26.06 0.68 -4.10
C2P COA D . -24.82 0.48 -4.98
S1P COA D . -23.72 1.85 -4.78
N1A COA E . -21.98 -14.39 7.86
C2A COA E . -21.10 -14.56 8.86
N3A COA E . -20.77 -15.79 9.28
C4A COA E . -21.31 -16.90 8.69
C5A COA E . -22.22 -16.74 7.65
C6A COA E . -22.54 -15.45 7.24
N6A COA E . -23.42 -15.27 6.22
N7A COA E . -22.60 -17.98 7.27
C8A COA E . -21.95 -18.87 8.04
N9A COA E . -21.17 -18.21 8.92
C1B COA E . -20.27 -18.81 9.94
C2B COA E . -20.91 -19.13 11.29
O2B COA E . -20.83 -17.95 12.18
C3B COA E . -20.05 -20.30 11.79
O3B COA E . -18.91 -19.87 12.57
P3B COA E . -17.42 -20.51 12.56
O7A COA E . -16.88 -20.16 13.94
O8A COA E . -16.69 -19.80 11.42
O9A COA E . -17.58 -22.01 12.34
C4B COA E . -19.59 -21.01 10.52
O4B COA E . -19.75 -20.07 9.45
C5B COA E . -20.34 -22.33 10.28
O5B COA E . -21.34 -22.18 9.25
P1A COA E . -21.07 -22.67 7.73
O1A COA E . -22.11 -22.01 6.87
O2A COA E . -20.99 -24.19 7.73
O3A COA E . -19.64 -22.02 7.33
P2A COA E . -18.17 -22.73 7.44
O4A COA E . -18.29 -24.17 7.91
O5A COA E . -17.25 -21.77 8.20
O6A COA E . -17.70 -22.72 5.88
CBP COA E . -18.57 -23.94 3.90
CCP COA E . -17.59 -23.92 5.09
CDP COA E . -19.96 -24.25 4.44
CEP COA E . -18.14 -25.11 3.02
CAP COA E . -18.62 -22.61 3.13
OAP COA E . -19.12 -22.80 1.79
C9P COA E . -17.31 -21.86 3.06
O9P COA E . -17.20 -20.79 3.65
N8P COA E . -16.31 -22.39 2.35
C7P COA E . -14.97 -21.86 2.13
C6P COA E . -14.20 -23.03 1.55
C5P COA E . -13.01 -22.59 0.74
O5P COA E . -13.15 -22.11 -0.37
N4P COA E . -11.81 -22.75 1.30
C3P COA E . -11.48 -23.30 2.61
C2P COA E . -11.08 -22.07 3.44
S1P COA E . -9.34 -21.85 3.33
C1 PLM F . -9.15 -20.50 2.38
O2 PLM F . -10.11 -19.80 2.12
C2 PLM F . -7.79 -20.13 1.84
C3 PLM F . -7.51 -18.67 2.16
C4 PLM F . -6.03 -18.38 2.21
C5 PLM F . -5.75 -17.28 3.22
C6 PLM F . -5.30 -15.96 2.59
C7 PLM F . -3.80 -15.92 2.33
C8 PLM F . -3.18 -14.63 2.84
C9 PLM F . -2.48 -13.87 1.70
CA PLM F . -1.02 -13.58 2.03
CB PLM F . -0.59 -12.20 1.53
CC PLM F . 0.93 -12.09 1.45
CD PLM F . 1.37 -10.65 1.17
CE PLM F . 2.83 -10.54 0.75
CF PLM F . 2.96 -9.67 -0.49
CG PLM F . 4.41 -9.38 -0.85
#